data_2WUU
#
_entry.id   2WUU
#
_cell.length_a   45.970
_cell.length_b   90.131
_cell.length_c   92.355
_cell.angle_alpha   90.00
_cell.angle_beta   90.00
_cell.angle_gamma   90.00
#
_symmetry.space_group_name_H-M   'P 21 21 21'
#
loop_
_entity.id
_entity.type
_entity.pdbx_description
1 polymer N-MYRISTOYLTRANSFERASE
2 non-polymer 2-oxopentadecyl-CoA
3 water water
#
_entity_poly.entity_id   1
_entity_poly.type   'polypeptide(L)'
_entity_poly.pdbx_seq_one_letter_code
;MSRNPSNSDAAHAFWSTQPVPQTEDETEKIVFAGPMDEPKTVADIPEEPYPIASTFEWWTPNMEAADDIHAIYELLRDNY
VEDDDSMFRFNYSEEFLQWALCPPSYIPDWHVAVRRKADKKLLAFIAGVPVTLRMGTPKYMKVKAQEKGQEEEAAKYDAP
RHICEINFLCVHKQLREKRLAPILIKEVTRRVNRTNVWQAVYTAGVLLPTPYASGQYFHRSLNPEKLVEIRFSGIPAQYQ
KFQNPMAMLKRNYQLPNAPKNSGLREMKPSDVPQVRRILMNYLDNFDVGPVFSDAEISHYLLPRDGVVFTYVVENDKKVT
DFFSFYRIPSTVIGNSNYNILNAAYVHYYAATSMPLHQLILDLLIVAHSRGFDVCNMVEILDNRSFVEQLKFGAGDGHLR
YYFYNWAYPKIKPSQVALVML
;
_entity_poly.pdbx_strand_id   A
#
loop_
_chem_comp.id
_chem_comp.type
_chem_comp.name
_chem_comp.formula
NHW non-polymer 2-oxopentadecyl-CoA 'C36 H64 N7 O17 P3 S'
#
# COMPACT_ATOMS: atom_id res chain seq x y z
N ALA A 11 -11.59 12.84 -22.41
CA ALA A 11 -12.53 13.30 -21.32
C ALA A 11 -12.51 12.40 -20.06
N HIS A 12 -12.88 12.97 -18.92
CA HIS A 12 -13.12 12.11 -17.75
C HIS A 12 -14.54 12.35 -17.30
N ALA A 13 -15.48 11.59 -17.84
CA ALA A 13 -16.89 11.84 -17.57
C ALA A 13 -17.24 11.69 -16.11
N PHE A 14 -16.55 10.83 -15.38
CA PHE A 14 -16.77 10.72 -13.93
C PHE A 14 -15.85 11.62 -13.11
N TRP A 15 -14.55 11.55 -13.32
CA TRP A 15 -13.63 12.27 -12.46
C TRP A 15 -13.74 13.79 -12.60
N SER A 16 -14.23 14.28 -13.74
CA SER A 16 -14.47 15.71 -13.87
C SER A 16 -15.55 16.27 -12.95
N THR A 17 -16.29 15.38 -12.35
CA THR A 17 -17.45 15.74 -11.51
C THR A 17 -17.13 15.69 -10.04
N GLN A 18 -15.89 15.28 -9.71
CA GLN A 18 -15.53 14.91 -8.32
C GLN A 18 -14.59 15.99 -7.75
N PRO A 19 -14.48 16.04 -6.40
CA PRO A 19 -13.59 17.03 -5.71
C PRO A 19 -12.15 16.53 -5.68
N VAL A 20 -11.52 16.49 -6.84
CA VAL A 20 -10.11 16.15 -6.98
C VAL A 20 -9.54 17.24 -7.92
N PRO A 21 -8.22 17.44 -7.85
CA PRO A 21 -7.66 18.45 -8.78
C PRO A 21 -7.79 17.97 -10.20
N GLN A 22 -8.04 18.91 -11.09
CA GLN A 22 -8.41 18.47 -12.47
C GLN A 22 -7.24 18.42 -13.44
N THR A 23 -6.18 19.16 -13.09
CA THR A 23 -4.98 19.17 -13.98
C THR A 23 -3.75 19.11 -13.14
N GLU A 24 -2.64 18.65 -13.74
CA GLU A 24 -1.35 18.68 -13.08
C GLU A 24 -0.99 20.12 -12.73
N ASP A 25 -1.27 21.05 -13.64
CA ASP A 25 -0.96 22.45 -13.36
C ASP A 25 -1.61 22.89 -12.01
N GLU A 26 -2.87 22.49 -11.80
CA GLU A 26 -3.64 22.75 -10.53
C GLU A 26 -2.84 22.35 -9.28
N THR A 27 -2.31 21.12 -9.27
CA THR A 27 -1.41 20.68 -8.17
C THR A 27 0.00 21.37 -8.02
N GLU A 28 0.56 21.89 -9.12
CA GLU A 28 1.83 22.64 -9.05
C GLU A 28 1.60 24.07 -8.52
N LYS A 29 0.32 24.49 -8.46
CA LYS A 29 -0.03 25.81 -7.95
C LYS A 29 -0.77 25.79 -6.60
N ILE A 30 -1.03 24.59 -6.05
CA ILE A 30 -1.68 24.49 -4.74
C ILE A 30 -0.60 24.83 -3.75
N VAL A 31 -0.94 25.76 -2.86
CA VAL A 31 -0.08 26.19 -1.82
C VAL A 31 -0.56 25.19 -0.68
N PHE A 32 -1.67 25.44 0.02
CA PHE A 32 -1.87 24.87 1.33
C PHE A 32 -2.72 23.59 1.23
N ALA A 33 -2.49 22.69 2.15
CA ALA A 33 -3.33 21.52 2.29
C ALA A 33 -4.70 21.99 2.77
N GLY A 34 -5.75 21.36 2.30
CA GLY A 34 -7.10 21.52 2.90
C GLY A 34 -8.15 20.97 2.01
N PRO A 35 -9.41 21.03 2.47
CA PRO A 35 -10.48 20.45 1.65
C PRO A 35 -10.69 21.15 0.33
N MET A 36 -11.26 20.42 -0.61
CA MET A 36 -11.70 21.07 -1.85
CA MET A 36 -11.70 21.06 -1.88
C MET A 36 -13.16 21.51 -1.81
N ASP A 37 -14.06 20.63 -1.37
CA ASP A 37 -15.50 21.01 -1.26
C ASP A 37 -15.66 21.93 -0.02
N GLU A 38 -16.57 22.88 -0.10
CA GLU A 38 -17.03 23.53 1.11
C GLU A 38 -17.71 22.48 2.03
N PRO A 39 -17.73 22.80 3.34
CA PRO A 39 -18.14 21.80 4.27
C PRO A 39 -19.57 21.39 4.18
N LYS A 40 -19.82 20.11 4.48
CA LYS A 40 -21.16 19.55 4.54
C LYS A 40 -21.39 18.90 5.87
N THR A 41 -22.65 18.63 6.20
CA THR A 41 -22.95 17.95 7.47
C THR A 41 -23.36 16.49 7.14
N VAL A 42 -23.30 15.60 8.16
CA VAL A 42 -23.78 14.23 8.00
C VAL A 42 -25.29 14.27 7.53
N ALA A 43 -26.11 15.19 8.08
CA ALA A 43 -27.54 15.23 7.76
C ALA A 43 -27.74 15.58 6.29
N ASP A 44 -26.73 16.21 5.66
CA ASP A 44 -26.85 16.54 4.22
C ASP A 44 -26.73 15.27 3.34
N ILE A 45 -26.26 14.14 3.91
CA ILE A 45 -25.96 12.93 3.15
C ILE A 45 -27.12 11.95 3.35
N PRO A 46 -27.66 11.41 2.28
CA PRO A 46 -28.75 10.40 2.40
C PRO A 46 -28.30 9.08 2.93
N GLU A 47 -29.24 8.39 3.65
CA GLU A 47 -28.97 6.99 4.09
C GLU A 47 -29.40 5.96 3.09
N GLU A 48 -30.24 6.38 2.10
CA GLU A 48 -30.61 5.42 1.01
C GLU A 48 -29.38 5.18 0.13
N PRO A 49 -29.04 3.91 -0.13
CA PRO A 49 -27.89 3.66 -1.03
C PRO A 49 -28.09 4.28 -2.43
N TYR A 50 -26.96 4.52 -3.08
CA TYR A 50 -27.03 5.12 -4.41
C TYR A 50 -27.75 4.17 -5.37
N PRO A 51 -28.56 4.69 -6.31
CA PRO A 51 -29.34 3.83 -7.17
C PRO A 51 -28.44 2.94 -8.05
N ILE A 52 -28.89 1.73 -8.20
CA ILE A 52 -28.29 0.78 -9.16
CA ILE A 52 -28.26 0.74 -9.08
C ILE A 52 -29.37 -0.02 -9.81
N ALA A 53 -29.04 -0.60 -10.96
CA ALA A 53 -30.05 -1.26 -11.77
C ALA A 53 -30.73 -2.40 -11.01
N SER A 54 -31.95 -2.69 -11.44
N SER A 54 -32.00 -2.65 -11.33
CA SER A 54 -32.89 -3.55 -10.74
CA SER A 54 -32.84 -3.58 -10.56
C SER A 54 -32.40 -4.97 -10.59
C SER A 54 -32.32 -4.99 -10.49
N THR A 55 -31.52 -5.38 -11.50
CA THR A 55 -30.99 -6.76 -11.49
C THR A 55 -29.95 -6.94 -10.34
N PHE A 56 -29.50 -5.83 -9.75
CA PHE A 56 -28.41 -5.81 -8.76
C PHE A 56 -28.90 -5.36 -7.40
N GLU A 57 -28.11 -5.72 -6.40
CA GLU A 57 -28.36 -5.25 -5.05
C GLU A 57 -27.04 -4.93 -4.41
N TRP A 58 -27.07 -3.95 -3.51
CA TRP A 58 -25.94 -3.68 -2.64
C TRP A 58 -25.83 -4.77 -1.59
N TRP A 59 -24.60 -5.12 -1.21
CA TRP A 59 -24.37 -6.14 -0.20
C TRP A 59 -23.19 -5.71 0.64
N THR A 60 -23.33 -5.75 1.96
CA THR A 60 -22.23 -5.53 2.89
C THR A 60 -21.75 -6.91 3.41
N PRO A 61 -20.61 -7.37 2.91
CA PRO A 61 -20.17 -8.70 3.34
C PRO A 61 -19.85 -8.70 4.81
N ASN A 62 -20.07 -9.82 5.51
CA ASN A 62 -19.65 -10.00 6.88
C ASN A 62 -18.26 -10.62 6.83
N MET A 63 -17.26 -9.92 7.30
CA MET A 63 -15.90 -10.46 7.25
C MET A 63 -15.72 -11.52 8.35
N GLU A 64 -16.70 -11.74 9.24
CA GLU A 64 -16.55 -12.84 10.21
C GLU A 64 -17.13 -14.15 9.60
N ALA A 65 -17.62 -14.08 8.36
CA ALA A 65 -18.27 -15.25 7.75
C ALA A 65 -17.42 -15.81 6.63
N ALA A 66 -17.03 -17.08 6.75
CA ALA A 66 -16.16 -17.70 5.81
C ALA A 66 -16.74 -17.66 4.41
N ASP A 67 -18.06 -17.83 4.25
CA ASP A 67 -18.58 -17.78 2.87
C ASP A 67 -18.48 -16.41 2.21
N ASP A 68 -18.58 -15.35 3.01
CA ASP A 68 -18.54 -14.02 2.45
C ASP A 68 -17.12 -13.72 2.02
N ILE A 69 -16.15 -14.02 2.89
CA ILE A 69 -14.77 -13.74 2.48
CA ILE A 69 -14.73 -13.82 2.53
C ILE A 69 -14.42 -14.64 1.27
N HIS A 70 -14.93 -15.89 1.23
CA HIS A 70 -14.71 -16.67 0.04
C HIS A 70 -15.19 -16.02 -1.25
N ALA A 71 -16.41 -15.43 -1.19
CA ALA A 71 -16.98 -14.82 -2.38
C ALA A 71 -16.03 -13.68 -2.85
N ILE A 72 -15.62 -12.84 -1.90
CA ILE A 72 -14.67 -11.73 -2.24
C ILE A 72 -13.42 -12.28 -2.89
N TYR A 73 -12.85 -13.29 -2.23
CA TYR A 73 -11.64 -13.99 -2.79
C TYR A 73 -11.84 -14.41 -4.26
N GLU A 74 -12.97 -15.06 -4.52
CA GLU A 74 -13.22 -15.55 -5.90
C GLU A 74 -13.39 -14.42 -6.93
N LEU A 75 -14.09 -13.35 -6.55
CA LEU A 75 -14.19 -12.19 -7.45
C LEU A 75 -12.76 -11.65 -7.80
N LEU A 76 -11.97 -11.42 -6.75
CA LEU A 76 -10.66 -10.78 -7.00
C LEU A 76 -9.72 -11.77 -7.72
N ARG A 77 -9.88 -13.05 -7.45
CA ARG A 77 -9.00 -14.05 -8.06
C ARG A 77 -9.06 -13.97 -9.59
N ASP A 78 -10.26 -13.75 -10.13
CA ASP A 78 -10.50 -13.81 -11.55
C ASP A 78 -10.64 -12.47 -12.25
N ASN A 79 -10.80 -11.41 -11.44
CA ASN A 79 -11.16 -10.08 -11.99
C ASN A 79 -10.40 -8.88 -11.49
N TYR A 80 -9.36 -9.12 -10.71
CA TYR A 80 -8.58 -7.99 -10.18
C TYR A 80 -7.38 -7.60 -11.12
N VAL A 81 -6.37 -6.86 -10.61
CA VAL A 81 -5.30 -6.35 -11.50
C VAL A 81 -4.53 -7.49 -12.25
N GLU A 82 -4.41 -7.40 -13.59
CA GLU A 82 -3.57 -8.29 -14.40
C GLU A 82 -2.20 -7.95 -14.12
N SER A 86 1.53 -12.04 -18.80
CA SER A 86 0.47 -13.05 -19.07
C SER A 86 0.82 -14.42 -18.52
N MET A 87 2.03 -14.60 -18.05
CA MET A 87 2.45 -15.90 -17.55
C MET A 87 2.21 -16.04 -16.06
N PHE A 88 1.83 -14.97 -15.37
CA PHE A 88 1.67 -14.94 -13.87
C PHE A 88 0.35 -14.31 -13.47
N ARG A 89 -0.19 -14.73 -12.33
CA ARG A 89 -1.50 -14.24 -11.87
C ARG A 89 -1.33 -14.03 -10.35
N PHE A 90 -1.43 -12.78 -9.89
CA PHE A 90 -1.37 -12.55 -8.43
C PHE A 90 -2.45 -13.41 -7.69
N ASN A 91 -2.10 -13.87 -6.48
CA ASN A 91 -3.09 -14.60 -5.66
CA ASN A 91 -3.02 -14.63 -5.65
C ASN A 91 -3.17 -13.90 -4.33
N TYR A 92 -4.27 -13.20 -4.12
CA TYR A 92 -4.57 -12.56 -2.81
C TYR A 92 -5.46 -13.54 -2.03
N SER A 93 -4.85 -14.21 -1.08
CA SER A 93 -5.54 -15.23 -0.31
C SER A 93 -6.62 -14.62 0.59
N GLU A 94 -7.52 -15.48 1.05
CA GLU A 94 -8.50 -15.04 2.02
C GLU A 94 -7.83 -14.46 3.25
N GLU A 95 -6.69 -15.05 3.70
CA GLU A 95 -5.98 -14.49 4.84
C GLU A 95 -5.38 -13.12 4.57
N PHE A 96 -4.79 -12.98 3.41
CA PHE A 96 -4.27 -11.65 2.99
C PHE A 96 -5.40 -10.59 2.96
N LEU A 97 -6.53 -11.00 2.39
CA LEU A 97 -7.67 -10.06 2.27
C LEU A 97 -8.24 -9.70 3.66
N GLN A 98 -8.35 -10.70 4.55
N GLN A 98 -8.39 -10.65 4.58
CA GLN A 98 -8.72 -10.50 5.97
CA GLN A 98 -8.88 -10.30 5.94
C GLN A 98 -7.92 -9.39 6.55
C GLN A 98 -7.90 -9.37 6.68
N TRP A 99 -6.61 -9.61 6.49
CA TRP A 99 -5.61 -8.74 7.03
C TRP A 99 -5.70 -7.31 6.48
N ALA A 100 -5.78 -7.20 5.16
CA ALA A 100 -5.81 -5.88 4.52
C ALA A 100 -7.14 -5.13 4.81
N LEU A 101 -8.24 -5.88 4.90
CA LEU A 101 -9.56 -5.25 4.93
C LEU A 101 -10.06 -5.02 6.34
N CYS A 102 -9.48 -5.72 7.33
CA CYS A 102 -10.06 -5.71 8.69
C CYS A 102 -9.07 -5.26 9.78
N PRO A 103 -8.47 -4.07 9.61
CA PRO A 103 -7.66 -3.53 10.70
C PRO A 103 -8.51 -3.14 11.88
N PRO A 104 -7.85 -2.71 12.96
CA PRO A 104 -8.58 -2.28 14.17
C PRO A 104 -9.60 -1.19 13.90
N SER A 105 -10.78 -1.38 14.46
CA SER A 105 -11.90 -0.48 14.32
C SER A 105 -12.32 -0.27 12.86
N TYR A 106 -12.16 -1.30 12.03
CA TYR A 106 -12.68 -1.17 10.66
C TYR A 106 -14.21 -1.00 10.72
N ILE A 107 -14.70 -0.31 9.69
CA ILE A 107 -16.14 -0.04 9.61
C ILE A 107 -16.73 -1.03 8.60
N PRO A 108 -17.59 -1.96 9.08
CA PRO A 108 -18.04 -3.05 8.18
C PRO A 108 -18.67 -2.49 6.90
N ASP A 109 -19.50 -1.42 6.98
CA ASP A 109 -20.18 -1.04 5.74
C ASP A 109 -19.33 -0.26 4.81
N TRP A 110 -18.03 -0.01 5.16
CA TRP A 110 -17.11 0.52 4.14
C TRP A 110 -16.60 -0.57 3.20
N HIS A 111 -17.00 -1.82 3.43
CA HIS A 111 -16.75 -2.89 2.47
C HIS A 111 -18.02 -3.03 1.63
N VAL A 112 -17.94 -2.55 0.41
CA VAL A 112 -19.14 -2.29 -0.41
C VAL A 112 -19.15 -3.28 -1.60
N ALA A 113 -20.21 -4.07 -1.76
CA ALA A 113 -20.26 -5.08 -2.80
C ALA A 113 -21.55 -4.86 -3.58
N VAL A 114 -21.57 -5.36 -4.82
CA VAL A 114 -22.71 -5.45 -5.68
C VAL A 114 -22.87 -6.92 -5.99
N ARG A 115 -24.11 -7.44 -5.78
CA ARG A 115 -24.38 -8.82 -6.17
C ARG A 115 -25.57 -8.82 -7.15
N ARG A 116 -25.62 -9.83 -7.98
CA ARG A 116 -26.77 -10.07 -8.82
C ARG A 116 -27.89 -10.64 -7.97
N LYS A 117 -29.10 -10.08 -8.03
CA LYS A 117 -30.14 -10.60 -7.13
C LYS A 117 -30.52 -12.03 -7.41
N ALA A 118 -30.60 -12.34 -8.69
CA ALA A 118 -31.21 -13.62 -9.08
C ALA A 118 -30.48 -14.82 -8.47
N ASP A 119 -29.15 -14.78 -8.46
CA ASP A 119 -28.34 -15.91 -8.06
C ASP A 119 -27.30 -15.54 -7.01
N LYS A 120 -27.36 -14.28 -6.53
CA LYS A 120 -26.46 -13.79 -5.48
CA LYS A 120 -26.44 -13.70 -5.51
C LYS A 120 -24.98 -13.77 -5.93
N LYS A 121 -24.72 -13.79 -7.25
CA LYS A 121 -23.33 -13.77 -7.67
C LYS A 121 -22.70 -12.40 -7.35
N LEU A 122 -21.52 -12.44 -6.73
CA LEU A 122 -20.76 -11.18 -6.45
C LEU A 122 -20.16 -10.63 -7.76
N LEU A 123 -20.47 -9.38 -8.12
CA LEU A 123 -20.03 -8.83 -9.37
C LEU A 123 -19.17 -7.57 -9.28
N ALA A 124 -19.12 -6.95 -8.09
CA ALA A 124 -18.25 -5.76 -7.94
C ALA A 124 -17.98 -5.55 -6.48
N PHE A 125 -16.87 -4.87 -6.20
CA PHE A 125 -16.45 -4.64 -4.82
C PHE A 125 -15.56 -3.38 -4.74
N ILE A 126 -15.65 -2.67 -3.65
CA ILE A 126 -14.61 -1.67 -3.27
C ILE A 126 -14.51 -1.63 -1.77
N ALA A 127 -13.34 -1.33 -1.22
CA ALA A 127 -13.23 -1.32 0.24
C ALA A 127 -12.58 -0.06 0.74
N GLY A 128 -13.15 0.47 1.79
CA GLY A 128 -12.47 1.51 2.59
C GLY A 128 -12.10 0.93 3.94
N VAL A 129 -10.97 1.39 4.47
CA VAL A 129 -10.58 1.11 5.85
C VAL A 129 -10.12 2.39 6.50
N PRO A 130 -10.25 2.49 7.83
CA PRO A 130 -9.78 3.70 8.49
C PRO A 130 -8.27 3.78 8.42
N VAL A 131 -7.79 5.00 8.31
CA VAL A 131 -6.33 5.27 8.50
C VAL A 131 -6.24 6.64 9.15
N THR A 132 -5.27 6.80 10.03
CA THR A 132 -4.99 8.15 10.58
C THR A 132 -3.76 8.64 9.84
N LEU A 133 -3.88 9.79 9.16
CA LEU A 133 -2.81 10.23 8.26
C LEU A 133 -2.41 11.65 8.58
N ARG A 134 -1.11 11.84 8.63
CA ARG A 134 -0.55 13.20 8.60
C ARG A 134 -0.56 13.66 7.14
N MET A 135 -1.25 14.78 6.89
CA MET A 135 -1.48 15.23 5.51
C MET A 135 -1.65 16.76 5.49
N GLY A 136 -0.93 17.41 6.43
CA GLY A 136 -0.92 18.86 6.41
C GLY A 136 0.11 19.40 5.38
N THR A 137 0.09 20.72 5.24
CA THR A 137 0.98 21.36 4.23
C THR A 137 2.41 20.89 4.32
N PRO A 138 3.00 20.51 3.15
CA PRO A 138 4.31 19.88 3.15
C PRO A 138 5.34 20.91 3.51
N LYS A 139 6.48 20.37 3.94
CA LYS A 139 7.57 21.23 4.42
C LYS A 139 7.98 22.36 3.50
N TYR A 140 8.08 22.04 2.20
CA TYR A 140 8.61 23.07 1.28
C TYR A 140 7.55 24.16 1.06
N MET A 141 6.26 23.80 1.20
CA MET A 141 5.17 24.78 1.07
C MET A 141 5.02 25.64 2.32
N LYS A 142 5.32 25.04 3.48
CA LYS A 142 5.31 25.86 4.70
C LYS A 142 6.40 26.91 4.68
N VAL A 143 7.57 26.61 4.07
CA VAL A 143 8.61 27.64 3.96
C VAL A 143 8.09 28.80 3.09
N LYS A 144 7.49 28.49 1.94
CA LYS A 144 6.89 29.57 1.13
C LYS A 144 5.82 30.37 1.87
N ALA A 145 5.04 29.71 2.71
CA ALA A 145 3.98 30.39 3.49
C ALA A 145 4.58 31.32 4.54
N GLN A 146 5.66 30.87 5.19
CA GLN A 146 6.34 31.67 6.22
C GLN A 146 6.79 32.99 5.62
N GLU A 147 7.34 32.92 4.41
CA GLU A 147 7.86 34.07 3.64
C GLU A 147 6.75 35.10 3.41
N LYS A 148 5.53 34.60 3.23
CA LYS A 148 4.35 35.47 2.96
C LYS A 148 3.49 35.81 4.21
N GLY A 149 3.98 35.47 5.40
CA GLY A 149 3.18 35.70 6.59
C GLY A 149 1.90 34.87 6.71
N GLN A 150 1.86 33.73 5.98
CA GLN A 150 0.67 32.83 5.90
C GLN A 150 0.90 31.54 6.66
N GLU A 151 1.75 31.59 7.70
CA GLU A 151 2.06 30.37 8.45
C GLU A 151 0.80 29.77 9.02
N GLU A 152 -0.11 30.60 9.49
CA GLU A 152 -1.32 30.08 10.10
C GLU A 152 -2.17 29.26 9.10
N GLU A 153 -2.46 29.85 7.93
CA GLU A 153 -3.21 29.17 6.88
C GLU A 153 -2.51 27.82 6.53
N ALA A 154 -1.16 27.85 6.41
CA ALA A 154 -0.40 26.63 6.14
C ALA A 154 -0.42 25.58 7.24
N ALA A 155 -0.58 25.96 8.51
CA ALA A 155 -0.52 24.97 9.56
C ALA A 155 -1.90 24.45 10.01
N LYS A 156 -2.97 24.94 9.39
CA LYS A 156 -4.34 24.68 9.93
C LYS A 156 -4.63 23.21 10.07
N TYR A 157 -4.18 22.45 9.06
CA TYR A 157 -4.49 21.01 8.98
C TYR A 157 -3.35 20.08 9.34
N ASP A 158 -2.44 20.52 10.21
CA ASP A 158 -1.28 19.72 10.60
C ASP A 158 -1.64 18.52 11.44
N ALA A 159 -2.75 18.58 12.18
CA ALA A 159 -3.06 17.44 13.10
C ALA A 159 -3.35 16.21 12.24
N PRO A 160 -2.90 15.01 12.69
CA PRO A 160 -3.23 13.79 11.91
C PRO A 160 -4.78 13.66 11.79
N ARG A 161 -5.25 13.22 10.65
CA ARG A 161 -6.68 13.21 10.38
C ARG A 161 -7.12 11.74 10.23
N HIS A 162 -8.34 11.47 10.75
CA HIS A 162 -8.89 10.11 10.64
C HIS A 162 -9.68 10.10 9.33
N ILE A 163 -9.13 9.44 8.33
CA ILE A 163 -9.71 9.38 6.97
C ILE A 163 -9.96 7.97 6.54
N CYS A 164 -10.29 7.83 5.26
CA CYS A 164 -10.55 6.50 4.64
C CYS A 164 -9.44 6.16 3.66
N GLU A 165 -8.92 4.94 3.69
CA GLU A 165 -8.00 4.44 2.65
C GLU A 165 -8.77 3.45 1.80
N ILE A 166 -8.81 3.71 0.51
CA ILE A 166 -9.56 2.87 -0.44
C ILE A 166 -8.68 1.89 -1.21
N ASN A 167 -9.13 0.66 -1.34
CA ASN A 167 -8.36 -0.32 -2.11
C ASN A 167 -9.31 -1.41 -2.60
N PHE A 168 -8.82 -2.24 -3.51
CA PHE A 168 -9.56 -3.41 -4.01
C PHE A 168 -10.81 -3.09 -4.78
N LEU A 169 -10.80 -1.95 -5.45
CA LEU A 169 -11.87 -1.72 -6.46
C LEU A 169 -11.83 -2.77 -7.56
N CYS A 170 -12.99 -3.39 -7.81
CA CYS A 170 -12.99 -4.49 -8.78
C CYS A 170 -14.38 -4.65 -9.37
N VAL A 171 -14.47 -4.61 -10.71
CA VAL A 171 -15.76 -4.87 -11.41
C VAL A 171 -15.54 -6.19 -12.20
N HIS A 172 -16.44 -7.16 -12.01
CA HIS A 172 -16.31 -8.43 -12.74
C HIS A 172 -16.21 -8.13 -14.23
N LYS A 173 -15.39 -8.93 -14.93
CA LYS A 173 -15.24 -8.73 -16.40
C LYS A 173 -16.55 -8.67 -17.22
N GLN A 174 -17.57 -9.39 -16.74
CA GLN A 174 -18.83 -9.35 -17.48
C GLN A 174 -19.54 -8.00 -17.39
N LEU A 175 -19.16 -7.21 -16.37
CA LEU A 175 -19.80 -5.89 -16.17
C LEU A 175 -18.91 -4.70 -16.50
N ARG A 176 -17.80 -4.94 -17.18
CA ARG A 176 -16.87 -3.82 -17.54
C ARG A 176 -17.47 -2.80 -18.53
N GLU A 177 -17.02 -1.55 -18.46
CA GLU A 177 -17.40 -0.50 -19.44
C GLU A 177 -18.86 -0.18 -19.37
N LYS A 178 -19.40 -0.37 -18.17
CA LYS A 178 -20.80 -0.06 -17.91
C LYS A 178 -20.97 1.11 -16.94
N ARG A 179 -19.86 1.78 -16.56
CA ARG A 179 -19.88 2.87 -15.63
C ARG A 179 -20.29 2.39 -14.24
N LEU A 180 -20.01 1.13 -13.92
CA LEU A 180 -20.25 0.65 -12.55
C LEU A 180 -19.20 1.10 -11.57
N ALA A 181 -17.95 1.31 -12.02
CA ALA A 181 -16.93 1.80 -11.03
C ALA A 181 -17.33 3.14 -10.45
N PRO A 182 -17.77 4.12 -11.27
CA PRO A 182 -18.27 5.39 -10.68
C PRO A 182 -19.38 5.20 -9.66
N ILE A 183 -20.29 4.26 -9.89
CA ILE A 183 -21.39 4.03 -8.91
C ILE A 183 -20.80 3.44 -7.61
N LEU A 184 -19.84 2.50 -7.68
CA LEU A 184 -19.21 1.95 -6.46
C LEU A 184 -18.49 3.10 -5.71
N ILE A 185 -17.79 3.99 -6.45
CA ILE A 185 -17.07 5.10 -5.79
C ILE A 185 -18.05 6.08 -5.13
N LYS A 186 -19.15 6.42 -5.82
CA LYS A 186 -20.15 7.28 -5.20
C LYS A 186 -20.75 6.65 -3.95
N GLU A 187 -21.01 5.36 -3.98
CA GLU A 187 -21.66 4.67 -2.84
C GLU A 187 -20.69 4.59 -1.63
N VAL A 188 -19.42 4.22 -1.87
CA VAL A 188 -18.50 4.19 -0.71
C VAL A 188 -18.29 5.60 -0.20
N THR A 189 -18.29 6.61 -1.09
CA THR A 189 -18.12 8.01 -0.63
C THR A 189 -19.27 8.34 0.32
N ARG A 190 -20.49 8.00 -0.08
CA ARG A 190 -21.67 8.30 0.76
C ARG A 190 -21.52 7.61 2.14
N ARG A 191 -21.12 6.32 2.16
CA ARG A 191 -20.96 5.60 3.44
C ARG A 191 -19.86 6.18 4.31
N VAL A 192 -18.80 6.68 3.69
CA VAL A 192 -17.72 7.31 4.47
C VAL A 192 -18.22 8.65 5.00
N ASN A 193 -18.91 9.42 4.14
CA ASN A 193 -19.42 10.73 4.57
C ASN A 193 -20.48 10.56 5.66
N ARG A 194 -21.23 9.46 5.68
CA ARG A 194 -22.19 9.24 6.81
C ARG A 194 -21.51 9.06 8.14
N THR A 195 -20.21 8.74 8.15
CA THR A 195 -19.45 8.70 9.40
C THR A 195 -18.71 10.01 9.73
N ASN A 196 -19.01 11.06 8.98
CA ASN A 196 -18.43 12.39 9.17
C ASN A 196 -16.93 12.37 8.79
N VAL A 197 -16.63 11.58 7.74
CA VAL A 197 -15.26 11.59 7.14
C VAL A 197 -15.41 12.04 5.71
N TRP A 198 -14.50 12.92 5.30
CA TRP A 198 -14.70 13.68 4.04
C TRP A 198 -13.47 13.61 3.12
N GLN A 199 -12.40 12.91 3.54
CA GLN A 199 -11.24 12.72 2.66
C GLN A 199 -10.98 11.25 2.55
N ALA A 200 -10.25 10.88 1.46
CA ALA A 200 -9.73 9.52 1.33
C ALA A 200 -8.33 9.63 0.68
N VAL A 201 -7.61 8.54 0.82
CA VAL A 201 -6.31 8.32 0.14
C VAL A 201 -6.44 7.02 -0.63
N TYR A 202 -5.86 7.02 -1.83
CA TYR A 202 -5.92 5.78 -2.65
C TYR A 202 -4.72 5.83 -3.61
N THR A 203 -4.43 4.69 -4.21
CA THR A 203 -3.33 4.62 -5.19
C THR A 203 -3.79 3.94 -6.43
N ALA A 204 -3.05 4.11 -7.53
CA ALA A 204 -3.35 3.28 -8.69
C ALA A 204 -2.08 3.24 -9.54
N GLY A 205 -1.97 2.21 -10.36
CA GLY A 205 -0.91 2.14 -11.33
C GLY A 205 -1.17 2.92 -12.60
N VAL A 206 -2.37 3.47 -12.79
CA VAL A 206 -2.76 4.21 -13.95
C VAL A 206 -2.84 5.67 -13.54
N LEU A 207 -2.82 6.55 -14.53
CA LEU A 207 -2.86 8.02 -14.28
C LEU A 207 -4.33 8.44 -14.33
N LEU A 208 -4.78 9.01 -13.23
CA LEU A 208 -6.12 9.60 -13.08
C LEU A 208 -5.92 11.05 -12.65
N PRO A 209 -6.97 11.88 -12.69
CA PRO A 209 -6.85 13.25 -12.12
C PRO A 209 -6.91 13.14 -10.60
N THR A 210 -5.90 13.58 -9.85
CA THR A 210 -4.54 14.04 -10.29
C THR A 210 -3.67 13.63 -9.09
N PRO A 211 -2.55 12.94 -9.34
CA PRO A 211 -1.79 12.41 -8.21
C PRO A 211 -1.08 13.55 -7.50
N TYR A 212 -0.86 13.35 -6.21
CA TYR A 212 0.06 14.24 -5.47
C TYR A 212 1.49 13.67 -5.41
N ALA A 213 1.67 12.38 -5.75
CA ALA A 213 3.02 11.85 -5.83
C ALA A 213 3.02 10.58 -6.70
N SER A 214 4.17 10.24 -7.30
CA SER A 214 4.26 9.10 -8.21
CA SER A 214 4.23 9.06 -8.14
C SER A 214 5.61 8.48 -7.95
N GLY A 215 5.67 7.17 -7.72
CA GLY A 215 6.99 6.52 -7.60
C GLY A 215 7.13 5.30 -8.47
N GLN A 216 8.34 5.07 -8.98
CA GLN A 216 8.55 3.88 -9.77
C GLN A 216 8.71 2.67 -8.83
N TYR A 217 8.35 1.54 -9.40
CA TYR A 217 8.63 0.26 -8.71
CA TYR A 217 8.60 0.22 -8.81
C TYR A 217 10.05 -0.20 -8.95
N PHE A 218 10.56 -1.00 -7.99
CA PHE A 218 11.93 -1.60 -8.05
C PHE A 218 11.80 -3.05 -7.61
N HIS A 219 12.72 -3.87 -8.12
CA HIS A 219 12.70 -5.30 -7.78
C HIS A 219 14.15 -5.75 -7.55
N ARG A 220 14.31 -6.80 -6.73
CA ARG A 220 15.58 -7.41 -6.47
C ARG A 220 15.40 -8.92 -6.52
N SER A 221 16.05 -9.56 -7.47
N SER A 221 16.05 -9.57 -7.47
CA SER A 221 15.98 -10.99 -7.58
CA SER A 221 15.99 -11.02 -7.54
C SER A 221 16.63 -11.66 -6.37
C SER A 221 16.63 -11.65 -6.34
N LEU A 222 15.95 -12.67 -5.79
CA LEU A 222 16.51 -13.42 -4.68
C LEU A 222 16.92 -14.82 -5.11
N ASN A 223 16.20 -15.37 -6.08
CA ASN A 223 16.49 -16.72 -6.54
C ASN A 223 16.50 -16.67 -8.06
N PRO A 224 17.58 -16.11 -8.62
CA PRO A 224 17.55 -15.89 -10.08
C PRO A 224 17.43 -17.17 -10.89
N GLU A 225 17.93 -18.30 -10.41
CA GLU A 225 17.80 -19.55 -11.16
C GLU A 225 16.32 -19.89 -11.29
N LYS A 226 15.60 -19.77 -10.18
CA LYS A 226 14.17 -20.06 -10.22
C LYS A 226 13.45 -19.08 -11.12
N LEU A 227 13.74 -17.79 -10.95
CA LEU A 227 13.08 -16.76 -11.78
C LEU A 227 13.28 -17.00 -13.27
N VAL A 228 14.47 -17.41 -13.66
CA VAL A 228 14.72 -17.69 -15.04
C VAL A 228 13.98 -18.99 -15.49
N GLU A 229 14.00 -20.04 -14.67
CA GLU A 229 13.31 -21.31 -15.00
C GLU A 229 11.82 -21.02 -15.25
N ILE A 230 11.18 -20.30 -14.32
CA ILE A 230 9.73 -19.97 -14.53
C ILE A 230 9.42 -18.81 -15.49
N ARG A 231 10.47 -18.25 -16.11
CA ARG A 231 10.34 -17.22 -17.15
C ARG A 231 9.77 -15.93 -16.62
N PHE A 232 9.99 -15.71 -15.31
CA PHE A 232 9.71 -14.40 -14.75
C PHE A 232 10.79 -13.39 -15.12
N SER A 233 12.06 -13.84 -15.12
CA SER A 233 13.21 -13.04 -15.49
C SER A 233 13.88 -13.73 -16.64
N GLY A 234 14.61 -12.94 -17.38
CA GLY A 234 15.45 -13.56 -18.40
C GLY A 234 16.90 -13.38 -17.99
N ILE A 235 17.77 -13.84 -18.85
CA ILE A 235 19.16 -13.63 -18.60
C ILE A 235 19.45 -12.40 -19.47
N PRO A 236 19.79 -11.26 -18.84
CA PRO A 236 19.93 -10.07 -19.65
C PRO A 236 21.00 -10.23 -20.78
N ALA A 237 20.76 -9.50 -21.88
CA ALA A 237 21.62 -9.51 -23.05
C ALA A 237 23.16 -9.50 -22.73
N GLN A 238 23.55 -8.63 -21.83
CA GLN A 238 24.97 -8.48 -21.53
C GLN A 238 25.57 -9.61 -20.71
N TYR A 239 24.74 -10.39 -20.04
CA TYR A 239 25.30 -11.56 -19.36
C TYR A 239 25.55 -12.71 -20.36
N GLN A 240 24.89 -12.61 -21.52
CA GLN A 240 24.91 -13.66 -22.54
C GLN A 240 26.30 -13.81 -23.10
N LYS A 241 27.11 -12.74 -22.95
CA LYS A 241 28.50 -12.74 -23.40
C LYS A 241 29.45 -13.52 -22.46
N PHE A 242 29.06 -13.73 -21.21
CA PHE A 242 29.90 -14.51 -20.28
C PHE A 242 29.95 -16.00 -20.65
N GLN A 243 30.98 -16.68 -20.18
CA GLN A 243 31.17 -18.13 -20.44
C GLN A 243 30.04 -18.91 -19.74
N ASN A 244 29.70 -18.42 -18.53
CA ASN A 244 28.64 -19.03 -17.71
C ASN A 244 27.64 -17.94 -17.27
N PRO A 245 26.68 -17.62 -18.17
CA PRO A 245 25.77 -16.50 -17.85
C PRO A 245 24.96 -16.67 -16.55
N MET A 246 24.47 -17.90 -16.29
CA MET A 246 23.73 -18.13 -15.06
C MET A 246 24.60 -18.09 -13.83
N ALA A 247 25.87 -18.53 -13.90
CA ALA A 247 26.71 -18.45 -12.67
C ALA A 247 26.99 -17.00 -12.34
N MET A 248 27.10 -16.18 -13.39
CA MET A 248 27.34 -14.73 -13.17
C MET A 248 26.10 -14.05 -12.61
N LEU A 249 24.91 -14.49 -13.06
CA LEU A 249 23.67 -13.95 -12.56
C LEU A 249 23.45 -14.37 -11.10
N LYS A 250 23.68 -15.65 -10.79
CA LYS A 250 23.60 -16.12 -9.39
C LYS A 250 24.61 -15.37 -8.53
N ARG A 251 25.84 -15.20 -9.04
CA ARG A 251 26.80 -14.33 -8.36
C ARG A 251 26.32 -12.90 -8.05
N ASN A 252 25.74 -12.16 -9.02
CA ASN A 252 25.29 -10.79 -8.79
C ASN A 252 24.38 -10.78 -7.61
N TYR A 253 23.52 -11.82 -7.49
CA TYR A 253 22.39 -11.74 -6.54
C TYR A 253 22.59 -12.59 -5.26
N GLN A 254 23.78 -13.18 -5.13
CA GLN A 254 24.05 -14.14 -4.02
C GLN A 254 23.97 -13.43 -2.69
N LEU A 255 23.43 -14.11 -1.69
CA LEU A 255 23.22 -13.55 -0.33
C LEU A 255 23.80 -14.50 0.67
N PRO A 256 24.23 -13.97 1.85
CA PRO A 256 24.62 -14.88 2.95
C PRO A 256 23.47 -15.80 3.35
N ASN A 257 23.81 -16.93 3.97
CA ASN A 257 22.77 -17.84 4.46
C ASN A 257 22.00 -17.30 5.67
N ALA A 258 22.66 -16.47 6.47
CA ALA A 258 22.10 -15.95 7.72
C ALA A 258 22.60 -14.53 7.90
N PRO A 259 21.81 -13.73 8.59
CA PRO A 259 22.28 -12.37 8.86
C PRO A 259 23.35 -12.35 9.94
N LYS A 260 24.18 -11.31 9.96
CA LYS A 260 25.20 -11.24 10.99
C LYS A 260 24.90 -10.18 12.06
N ASN A 261 23.69 -9.62 12.12
CA ASN A 261 23.38 -8.63 13.19
C ASN A 261 22.88 -9.31 14.42
N SER A 262 23.66 -9.18 15.51
CA SER A 262 23.32 -9.79 16.78
CA SER A 262 23.29 -9.82 16.78
C SER A 262 21.99 -9.24 17.29
N GLY A 263 21.13 -10.11 17.77
CA GLY A 263 19.89 -9.69 18.35
C GLY A 263 18.73 -9.60 17.35
N LEU A 264 18.95 -9.99 16.09
CA LEU A 264 17.87 -10.01 15.11
C LEU A 264 17.04 -11.27 15.32
N ARG A 265 15.72 -11.08 15.42
CA ARG A 265 14.77 -12.18 15.66
C ARG A 265 13.38 -11.80 15.17
N GLU A 266 12.47 -12.78 15.05
CA GLU A 266 11.09 -12.44 14.71
CA GLU A 266 11.10 -12.41 14.70
C GLU A 266 10.48 -11.54 15.76
N MET A 267 9.69 -10.59 15.35
CA MET A 267 8.96 -9.72 16.26
C MET A 267 7.91 -10.55 17.04
N LYS A 268 7.74 -10.22 18.30
CA LYS A 268 6.82 -10.83 19.24
CA LYS A 268 6.72 -10.84 19.09
C LYS A 268 5.82 -9.79 19.74
N PRO A 269 4.68 -10.23 20.32
CA PRO A 269 3.76 -9.23 20.85
C PRO A 269 4.37 -8.24 21.85
N SER A 270 5.31 -8.70 22.68
CA SER A 270 5.89 -7.78 23.64
C SER A 270 6.73 -6.66 23.00
N ASP A 271 7.04 -6.81 21.69
CA ASP A 271 7.82 -5.73 21.08
C ASP A 271 6.93 -4.57 20.56
N VAL A 272 5.61 -4.75 20.59
CA VAL A 272 4.73 -3.77 19.93
C VAL A 272 4.96 -2.29 20.36
N PRO A 273 5.00 -2.02 21.68
CA PRO A 273 5.19 -0.62 22.06
C PRO A 273 6.49 0.04 21.56
N GLN A 274 7.58 -0.73 21.59
CA GLN A 274 8.86 -0.16 21.16
C GLN A 274 8.87 -0.04 19.64
N VAL A 275 8.32 -1.01 18.92
CA VAL A 275 8.23 -0.90 17.44
C VAL A 275 7.38 0.33 17.10
N ARG A 276 6.25 0.51 17.80
CA ARG A 276 5.42 1.69 17.51
C ARG A 276 6.27 2.98 17.68
N ARG A 277 7.03 3.12 18.79
CA ARG A 277 7.84 4.31 19.05
CA ARG A 277 7.76 4.33 19.00
CA ARG A 277 7.76 4.36 19.00
C ARG A 277 8.87 4.57 17.97
N ILE A 278 9.65 3.51 17.64
CA ILE A 278 10.72 3.79 16.69
C ILE A 278 10.15 4.03 15.29
N LEU A 279 9.04 3.37 14.94
CA LEU A 279 8.46 3.62 13.61
C LEU A 279 7.90 5.02 13.56
N MET A 280 7.15 5.45 14.59
CA MET A 280 6.53 6.76 14.51
C MET A 280 7.60 7.84 14.51
N ASN A 281 8.67 7.65 15.28
CA ASN A 281 9.75 8.68 15.23
C ASN A 281 10.32 8.81 13.81
N TYR A 282 10.44 7.71 13.11
CA TYR A 282 10.96 7.74 11.71
C TYR A 282 9.91 8.34 10.77
N LEU A 283 8.67 7.89 10.87
CA LEU A 283 7.69 8.32 9.84
C LEU A 283 7.37 9.80 9.98
N ASP A 284 7.58 10.37 11.17
CA ASP A 284 7.35 11.82 11.37
C ASP A 284 8.21 12.69 10.46
N ASN A 285 9.25 12.15 9.86
CA ASN A 285 10.21 12.83 8.93
CA ASN A 285 10.04 13.05 9.05
C ASN A 285 9.59 13.09 7.59
N PHE A 286 8.43 12.49 7.32
CA PHE A 286 7.89 12.59 5.95
C PHE A 286 6.62 13.43 5.90
N ASP A 287 6.37 14.07 4.77
CA ASP A 287 5.18 14.92 4.64
C ASP A 287 3.86 14.20 4.82
N VAL A 288 3.70 13.01 4.20
CA VAL A 288 2.47 12.28 4.27
C VAL A 288 2.79 10.91 4.84
N GLY A 289 2.08 10.52 5.90
CA GLY A 289 2.37 9.21 6.46
C GLY A 289 1.35 8.86 7.56
N PRO A 290 1.27 7.61 7.87
CA PRO A 290 0.28 7.13 8.84
C PRO A 290 0.73 7.27 10.29
N VAL A 291 -0.26 7.41 11.17
CA VAL A 291 0.00 7.32 12.59
C VAL A 291 -0.68 6.04 13.04
N PHE A 292 0.07 5.19 13.76
CA PHE A 292 -0.44 3.88 14.17
C PHE A 292 -0.49 3.75 15.69
N SER A 293 -1.62 3.30 16.16
CA SER A 293 -1.77 2.93 17.58
C SER A 293 -1.06 1.59 17.83
N ASP A 294 -0.94 1.17 19.11
CA ASP A 294 -0.39 -0.16 19.35
C ASP A 294 -1.23 -1.23 18.66
N ALA A 295 -2.59 -1.09 18.70
CA ALA A 295 -3.40 -2.13 18.06
C ALA A 295 -3.15 -2.25 16.57
N GLU A 296 -2.94 -1.10 15.94
CA GLU A 296 -2.60 -1.09 14.51
C GLU A 296 -1.20 -1.64 14.21
N ILE A 297 -0.21 -1.31 15.07
CA ILE A 297 1.11 -1.98 14.94
C ILE A 297 0.96 -3.49 15.05
N SER A 298 0.19 -3.97 16.06
CA SER A 298 -0.01 -5.38 16.22
CA SER A 298 0.03 -5.36 16.22
C SER A 298 -0.61 -5.98 14.96
N HIS A 299 -1.70 -5.38 14.47
CA HIS A 299 -2.40 -5.91 13.33
C HIS A 299 -1.50 -5.98 12.07
N TYR A 300 -0.91 -4.84 11.77
CA TYR A 300 -0.17 -4.73 10.50
C TYR A 300 1.22 -5.33 10.51
N LEU A 301 1.83 -5.46 11.70
CA LEU A 301 3.23 -5.89 11.73
C LEU A 301 3.50 -7.24 12.43
N LEU A 302 2.64 -7.72 13.32
CA LEU A 302 3.01 -9.01 13.94
C LEU A 302 3.03 -10.14 12.86
N PRO A 303 3.99 -11.05 12.93
CA PRO A 303 4.09 -12.10 11.93
C PRO A 303 2.75 -12.85 11.76
N ARG A 304 2.45 -13.17 10.53
CA ARG A 304 1.19 -13.88 10.15
C ARG A 304 1.56 -14.76 9.00
N ASP A 305 1.41 -16.07 9.22
CA ASP A 305 1.88 -17.10 8.28
C ASP A 305 1.34 -16.83 6.88
N GLY A 306 2.23 -16.75 5.88
CA GLY A 306 1.77 -16.57 4.50
C GLY A 306 1.54 -15.13 4.10
N VAL A 307 1.62 -14.20 5.05
CA VAL A 307 1.18 -12.85 4.79
C VAL A 307 2.23 -11.84 5.19
N VAL A 308 2.52 -11.74 6.50
CA VAL A 308 3.47 -10.68 6.93
C VAL A 308 4.58 -11.29 7.76
N PHE A 309 5.77 -10.74 7.59
CA PHE A 309 7.02 -11.21 8.18
C PHE A 309 7.72 -10.02 8.75
N THR A 310 8.03 -10.09 10.03
CA THR A 310 8.53 -8.88 10.74
C THR A 310 9.59 -9.31 11.74
N TYR A 311 10.70 -8.58 11.73
CA TYR A 311 11.87 -8.90 12.53
CA TYR A 311 11.87 -8.89 12.51
C TYR A 311 12.32 -7.64 13.25
N VAL A 312 12.83 -7.80 14.49
CA VAL A 312 13.37 -6.70 15.26
C VAL A 312 14.84 -7.02 15.51
N VAL A 313 15.62 -5.97 15.69
CA VAL A 313 16.97 -6.10 16.34
C VAL A 313 16.77 -5.62 17.75
N GLU A 314 16.99 -6.54 18.69
CA GLU A 314 16.80 -6.24 20.10
C GLU A 314 17.95 -6.79 20.91
N ASN A 315 18.46 -5.97 21.80
CA ASN A 315 19.48 -6.40 22.78
C ASN A 315 19.22 -5.71 24.06
N ASP A 316 19.51 -6.40 25.15
CA ASP A 316 19.30 -5.77 26.47
C ASP A 316 17.88 -5.28 26.70
N LYS A 317 16.92 -5.93 26.02
CA LYS A 317 15.48 -5.67 26.11
C LYS A 317 15.08 -4.34 25.41
N LYS A 318 15.98 -3.81 24.60
CA LYS A 318 15.72 -2.56 23.85
C LYS A 318 15.71 -2.90 22.36
N VAL A 319 14.56 -2.63 21.75
CA VAL A 319 14.45 -2.76 20.29
C VAL A 319 15.03 -1.55 19.60
N THR A 320 16.05 -1.74 18.75
CA THR A 320 16.69 -0.58 18.11
C THR A 320 16.39 -0.49 16.64
N ASP A 321 15.89 -1.56 16.02
CA ASP A 321 15.61 -1.54 14.59
C ASP A 321 14.52 -2.53 14.32
N PHE A 322 13.84 -2.42 13.17
CA PHE A 322 12.95 -3.48 12.76
C PHE A 322 12.71 -3.35 11.27
N PHE A 323 12.33 -4.47 10.68
CA PHE A 323 11.85 -4.39 9.30
C PHE A 323 10.68 -5.36 9.11
N SER A 324 9.85 -5.08 8.10
CA SER A 324 8.75 -5.94 7.74
C SER A 324 8.65 -6.05 6.21
N PHE A 325 8.16 -7.21 5.79
CA PHE A 325 7.76 -7.38 4.41
C PHE A 325 6.49 -8.23 4.37
N TYR A 326 5.67 -8.02 3.34
CA TYR A 326 4.46 -8.82 3.16
C TYR A 326 4.61 -9.63 1.90
N ARG A 327 3.82 -10.69 1.82
CA ARG A 327 3.91 -11.65 0.71
C ARG A 327 2.72 -11.54 -0.23
N ILE A 328 2.98 -11.46 -1.53
CA ILE A 328 1.92 -11.71 -2.49
C ILE A 328 2.46 -12.71 -3.47
N PRO A 329 1.96 -13.96 -3.44
CA PRO A 329 2.40 -15.01 -4.31
C PRO A 329 1.67 -14.88 -5.64
N SER A 330 2.29 -15.41 -6.69
CA SER A 330 1.68 -15.46 -8.05
C SER A 330 1.70 -16.88 -8.57
N THR A 331 0.57 -17.29 -9.15
CA THR A 331 0.41 -18.51 -9.94
C THR A 331 1.20 -18.35 -11.18
N VAL A 332 1.96 -19.36 -11.51
CA VAL A 332 2.73 -19.37 -12.77
C VAL A 332 1.80 -20.11 -13.68
N ILE A 333 1.43 -19.45 -14.79
CA ILE A 333 0.37 -20.05 -15.58
C ILE A 333 0.87 -21.25 -16.39
N ILE A 340 5.02 -21.69 -8.18
CA ILE A 340 4.51 -20.42 -7.59
C ILE A 340 5.72 -19.45 -7.43
N LEU A 341 5.46 -18.19 -7.82
CA LEU A 341 6.44 -17.11 -7.63
C LEU A 341 6.15 -16.46 -6.25
N ASN A 342 7.12 -16.49 -5.36
N ASN A 342 7.03 -16.61 -5.24
CA ASN A 342 6.88 -16.04 -4.05
CA ASN A 342 6.75 -15.97 -3.97
C ASN A 342 7.49 -14.63 -3.81
C ASN A 342 7.48 -14.62 -3.93
N ALA A 343 6.71 -13.55 -3.89
CA ALA A 343 7.27 -12.17 -3.89
C ALA A 343 7.14 -11.56 -2.50
N ALA A 344 8.22 -10.92 -2.05
CA ALA A 344 8.20 -10.17 -0.78
C ALA A 344 8.11 -8.67 -1.13
N TYR A 345 7.28 -7.90 -0.43
CA TYR A 345 7.15 -6.47 -0.65
C TYR A 345 7.63 -5.73 0.59
N VAL A 346 8.59 -4.82 0.46
CA VAL A 346 9.12 -4.10 1.64
C VAL A 346 7.93 -3.34 2.23
N HIS A 347 7.81 -3.48 3.55
CA HIS A 347 6.67 -2.87 4.22
C HIS A 347 7.29 -1.71 5.03
N TYR A 348 7.02 -1.56 6.27
CA TYR A 348 7.62 -0.54 7.16
C TYR A 348 8.93 -1.06 7.77
N TYR A 349 9.74 -0.13 8.17
CA TYR A 349 11.01 -0.41 8.80
C TYR A 349 11.46 0.82 9.55
N ALA A 350 12.44 0.63 10.46
CA ALA A 350 13.09 1.77 11.09
C ALA A 350 14.49 1.30 11.54
N ALA A 351 15.51 2.08 11.19
CA ALA A 351 16.89 1.75 11.61
C ALA A 351 17.41 2.83 12.53
N THR A 352 17.94 2.42 13.67
CA THR A 352 18.60 3.36 14.61
C THR A 352 20.00 2.93 15.03
N SER A 353 20.36 1.68 14.81
CA SER A 353 21.67 1.15 15.26
C SER A 353 22.63 0.80 14.14
N MET A 354 22.16 0.90 12.89
CA MET A 354 22.94 0.41 11.75
C MET A 354 22.48 1.24 10.56
N PRO A 355 23.28 1.26 9.47
CA PRO A 355 22.80 1.95 8.28
C PRO A 355 21.57 1.22 7.72
N LEU A 356 20.68 1.98 7.11
CA LEU A 356 19.52 1.34 6.51
C LEU A 356 19.88 0.22 5.54
N HIS A 357 20.98 0.40 4.72
CA HIS A 357 21.27 -0.66 3.77
C HIS A 357 21.61 -1.99 4.50
N GLN A 358 22.18 -1.96 5.70
N GLN A 358 22.19 -1.90 5.70
CA GLN A 358 22.42 -3.22 6.38
CA GLN A 358 22.48 -3.08 6.53
C GLN A 358 21.14 -3.84 6.90
C GLN A 358 21.20 -3.80 6.95
N LEU A 359 20.23 -3.00 7.39
CA LEU A 359 18.94 -3.53 7.88
C LEU A 359 18.23 -4.22 6.71
N ILE A 360 18.24 -3.57 5.52
CA ILE A 360 17.50 -4.12 4.37
C ILE A 360 18.25 -5.33 3.77
N LEU A 361 19.60 -5.33 3.88
CA LEU A 361 20.33 -6.57 3.53
C LEU A 361 19.79 -7.71 4.36
N ASP A 362 19.61 -7.46 5.67
CA ASP A 362 19.07 -8.51 6.53
C ASP A 362 17.64 -8.97 6.08
N LEU A 363 16.82 -8.02 5.62
CA LEU A 363 15.53 -8.31 5.07
C LEU A 363 15.69 -9.26 3.86
N LEU A 364 16.62 -8.95 2.97
CA LEU A 364 16.82 -9.77 1.79
C LEU A 364 17.28 -11.17 2.20
N ILE A 365 18.22 -11.24 3.16
CA ILE A 365 18.73 -12.54 3.58
C ILE A 365 17.61 -13.40 4.18
N VAL A 366 16.81 -12.79 5.08
CA VAL A 366 15.71 -13.52 5.74
C VAL A 366 14.63 -13.94 4.68
N ALA A 367 14.27 -13.03 3.78
CA ALA A 367 13.30 -13.38 2.75
C ALA A 367 13.81 -14.52 1.90
N HIS A 368 15.08 -14.42 1.48
CA HIS A 368 15.66 -15.53 0.70
C HIS A 368 15.65 -16.85 1.47
N SER A 369 16.02 -16.82 2.74
N SER A 369 16.02 -16.80 2.74
CA SER A 369 16.00 -18.02 3.56
CA SER A 369 16.04 -17.99 3.56
C SER A 369 14.65 -18.65 3.74
C SER A 369 14.68 -18.64 3.75
N ARG A 370 13.61 -17.85 3.73
CA ARG A 370 12.23 -18.34 3.84
C ARG A 370 11.65 -18.77 2.49
N GLY A 371 12.42 -18.73 1.45
CA GLY A 371 11.93 -19.10 0.15
C GLY A 371 11.27 -18.10 -0.73
N PHE A 372 11.51 -16.84 -0.44
CA PHE A 372 11.01 -15.82 -1.37
C PHE A 372 11.94 -15.75 -2.61
N ASP A 373 11.35 -15.43 -3.75
CA ASP A 373 12.04 -15.40 -5.04
C ASP A 373 12.48 -14.02 -5.52
N VAL A 374 11.77 -12.97 -5.08
CA VAL A 374 12.05 -11.61 -5.52
C VAL A 374 11.56 -10.72 -4.40
N CYS A 375 12.20 -9.54 -4.24
CA CYS A 375 11.74 -8.50 -3.30
C CYS A 375 11.40 -7.25 -4.10
N ASN A 376 10.23 -6.72 -3.86
CA ASN A 376 9.69 -5.56 -4.57
C ASN A 376 9.47 -4.39 -3.64
N MET A 377 9.48 -3.18 -4.18
CA MET A 377 9.16 -1.94 -3.43
C MET A 377 8.86 -0.85 -4.38
N VAL A 378 8.27 0.21 -3.86
CA VAL A 378 8.17 1.48 -4.61
C VAL A 378 9.15 2.45 -3.94
N GLU A 379 9.62 3.44 -4.69
CA GLU A 379 10.60 4.40 -4.18
C GLU A 379 10.03 5.41 -3.16
N ILE A 380 9.18 4.98 -2.23
CA ILE A 380 8.72 5.85 -1.17
C ILE A 380 9.71 5.71 0.01
N LEU A 381 9.40 6.37 1.14
CA LEU A 381 10.25 6.28 2.33
C LEU A 381 11.72 6.61 1.91
N ASP A 382 12.69 5.87 2.48
CA ASP A 382 14.09 6.02 2.05
C ASP A 382 14.52 4.86 1.17
N ASN A 383 13.56 4.32 0.43
CA ASN A 383 13.88 3.13 -0.33
C ASN A 383 14.91 3.37 -1.44
N ARG A 384 15.02 4.58 -1.98
CA ARG A 384 16.10 4.82 -2.95
C ARG A 384 17.49 4.66 -2.41
N SER A 385 17.65 4.82 -1.07
CA SER A 385 18.97 4.97 -0.53
CA SER A 385 18.97 4.98 -0.54
C SER A 385 19.81 3.70 -0.63
N PHE A 386 19.17 2.55 -0.80
CA PHE A 386 19.88 1.26 -0.83
C PHE A 386 19.76 0.56 -2.16
N VAL A 387 19.16 1.19 -3.15
CA VAL A 387 18.91 0.53 -4.43
C VAL A 387 20.16 -0.01 -5.08
N GLU A 388 21.17 0.83 -5.29
CA GLU A 388 22.30 0.35 -6.10
C GLU A 388 23.10 -0.67 -5.33
N GLN A 389 23.40 -0.42 -4.05
CA GLN A 389 24.24 -1.31 -3.34
C GLN A 389 23.58 -2.71 -3.14
N LEU A 390 22.24 -2.72 -3.01
CA LEU A 390 21.56 -4.02 -2.80
C LEU A 390 21.05 -4.62 -4.09
N LYS A 391 21.40 -4.06 -5.24
N LYS A 391 21.40 -4.02 -5.24
CA LYS A 391 21.15 -4.68 -6.55
CA LYS A 391 21.15 -4.55 -6.59
C LYS A 391 19.65 -4.64 -6.92
C LYS A 391 19.68 -4.61 -6.94
N PHE A 392 18.92 -3.65 -6.45
CA PHE A 392 17.59 -3.45 -6.98
C PHE A 392 17.64 -2.83 -8.38
N GLY A 393 16.68 -3.16 -9.20
CA GLY A 393 16.57 -2.51 -10.53
C GLY A 393 15.19 -1.87 -10.64
N ALA A 394 15.16 -0.76 -11.37
CA ALA A 394 13.90 -0.12 -11.67
C ALA A 394 13.04 -1.01 -12.56
N GLY A 395 11.72 -1.04 -12.35
CA GLY A 395 10.80 -1.79 -13.22
C GLY A 395 9.95 -0.85 -14.02
N ASP A 396 9.03 -1.41 -14.78
CA ASP A 396 8.20 -0.59 -15.67
CA ASP A 396 8.13 -0.69 -15.66
C ASP A 396 7.04 0.13 -14.95
N GLY A 397 6.62 -0.31 -13.81
CA GLY A 397 5.45 0.34 -13.25
C GLY A 397 5.69 1.62 -12.44
N HIS A 398 4.63 2.45 -12.28
CA HIS A 398 4.64 3.56 -11.32
C HIS A 398 3.40 3.46 -10.49
N LEU A 399 3.57 3.72 -9.21
CA LEU A 399 2.43 3.80 -8.27
C LEU A 399 2.14 5.26 -8.04
N ARG A 400 0.88 5.65 -8.31
CA ARG A 400 0.51 7.07 -8.15
C ARG A 400 -0.34 7.14 -6.88
N TYR A 401 -0.13 8.16 -6.06
CA TYR A 401 -0.87 8.44 -4.81
C TYR A 401 -1.82 9.58 -5.06
N TYR A 402 -3.04 9.40 -4.54
CA TYR A 402 -4.11 10.38 -4.73
C TYR A 402 -4.84 10.64 -3.41
N PHE A 403 -5.38 11.87 -3.30
CA PHE A 403 -6.35 12.18 -2.29
C PHE A 403 -7.69 12.48 -2.96
N TYR A 404 -8.76 12.19 -2.20
CA TYR A 404 -10.10 12.63 -2.52
C TYR A 404 -10.47 13.81 -1.61
N ASN A 405 -10.90 14.91 -2.19
CA ASN A 405 -11.33 16.05 -1.45
C ASN A 405 -10.25 16.66 -0.54
N TRP A 406 -9.04 16.71 -1.12
CA TRP A 406 -7.90 17.32 -0.40
C TRP A 406 -6.97 17.97 -1.39
N ALA A 407 -6.91 19.29 -1.37
CA ALA A 407 -5.87 20.06 -2.13
C ALA A 407 -4.52 19.78 -1.48
N TYR A 408 -3.56 19.47 -2.32
CA TYR A 408 -2.26 19.13 -1.77
C TYR A 408 -1.22 19.40 -2.87
N PRO A 409 -0.12 20.05 -2.52
CA PRO A 409 0.96 20.29 -3.46
C PRO A 409 1.57 18.95 -3.98
N LYS A 410 2.07 18.94 -5.20
N LYS A 410 2.07 18.93 -5.21
CA LYS A 410 2.88 17.83 -5.64
CA LYS A 410 2.82 17.81 -5.74
C LYS A 410 4.06 17.69 -4.65
C LYS A 410 4.13 17.64 -4.90
N ILE A 411 4.35 16.46 -4.33
CA ILE A 411 5.54 16.12 -3.56
C ILE A 411 6.28 14.95 -4.20
N LYS A 412 7.57 14.82 -3.84
CA LYS A 412 8.36 13.68 -4.31
C LYS A 412 7.91 12.43 -3.59
N PRO A 413 8.12 11.26 -4.20
CA PRO A 413 7.70 10.00 -3.56
C PRO A 413 8.52 9.71 -2.31
N SER A 414 9.74 10.28 -2.22
CA SER A 414 10.51 10.11 -0.97
C SER A 414 9.98 10.97 0.18
N GLN A 415 8.87 11.72 -0.01
CA GLN A 415 8.17 12.34 1.09
C GLN A 415 6.88 11.64 1.47
N VAL A 416 6.66 10.45 0.90
CA VAL A 416 5.50 9.63 1.20
C VAL A 416 5.96 8.48 2.09
N ALA A 417 5.23 8.24 3.21
CA ALA A 417 5.57 7.18 4.13
C ALA A 417 4.38 6.24 4.30
N LEU A 418 3.39 6.29 3.42
CA LEU A 418 2.26 5.37 3.47
C LEU A 418 2.48 4.23 2.53
N VAL A 419 2.63 3.02 3.06
CA VAL A 419 2.77 1.81 2.20
C VAL A 419 1.37 1.28 1.87
N MET A 420 1.09 1.05 0.59
CA MET A 420 -0.25 0.58 0.18
CA MET A 420 -0.25 0.58 0.26
C MET A 420 -0.23 -0.92 -0.07
N LEU A 421 -1.08 -1.69 0.63
CA LEU A 421 -1.10 -3.15 0.49
C LEU A 421 -1.72 -3.59 -0.82
S1 NHW B . -5.98 0.46 -8.16
C2 NHW B . -6.70 -1.14 -8.66
C3 NHW B . -8.11 -0.89 -9.40
N4 NHW B . -8.68 -2.21 -9.79
C5 NHW B . -8.29 -2.87 -10.87
O5 NHW B . -7.53 -2.42 -11.74
C6 NHW B . -9.00 -4.22 -11.05
C7 NHW B . -9.26 -4.60 -12.52
N8 NHW B . -10.09 -3.61 -13.22
C9 NHW B . -11.39 -3.52 -12.95
O9 NHW B . -11.92 -4.15 -12.02
CP NHW B . -6.23 0.36 -6.28
C10 NHW B . -12.10 -2.39 -13.71
O10 NHW B . -11.43 -2.16 -14.91
C11 NHW B . -12.21 -1.08 -12.88
C12 NHW B . -12.85 0.04 -13.76
C13 NHW B . -10.83 -0.58 -12.42
C14 NHW B . -13.02 -1.35 -11.62
N1A NHW B . -9.30 4.05 -9.82
O1A NHW B . -17.02 1.15 -14.57
P1A NHW B . -16.20 1.88 -15.70
C1M NHW B . -7.69 0.83 -5.92
O1M NHW B . -8.52 -0.05 -5.81
C1X NHW B . -12.29 5.18 -13.79
C2A NHW B . -10.23 5.06 -9.92
O2A NHW B . -16.88 2.02 -17.08
P2A NHW B . -14.50 -0.44 -15.75
C2M NHW B . -8.01 2.32 -5.97
C2X NHW B . -11.97 5.60 -15.22
O2X NHW B . -11.01 6.68 -15.24
N3A NHW B . -10.94 5.20 -11.03
O3A NHW B . -14.80 1.07 -15.97
C3M NHW B . -9.48 2.62 -6.25
C3X NHW B . -13.33 6.08 -15.65
O3X NHW B . -13.62 7.40 -15.17
P3X NHW B . -13.57 8.62 -16.20
C4A NHW B . -10.68 4.35 -12.07
O4A NHW B . -13.29 -0.73 -16.55
C4M NHW B . -9.72 4.07 -6.06
C4X NHW B . -14.27 5.11 -14.95
O4X NHW B . -13.51 4.44 -13.96
C5A NHW B . -9.73 3.35 -11.98
O5A NHW B . -15.72 -1.20 -15.96
C5M NHW B . -11.18 4.51 -6.50
C5X NHW B . -14.71 3.98 -15.89
O5X NHW B . -15.68 3.24 -15.14
C6A NHW B . -8.98 3.21 -10.82
N6A NHW B . -7.96 2.28 -10.68
O6A NHW B . -14.14 -0.44 -14.21
C6M NHW B . -11.46 5.99 -6.14
N7A NHW B . -9.70 2.68 -13.16
O7A NHW B . -12.07 8.72 -16.76
C7M NHW B . -11.74 6.21 -4.65
C8A NHW B . -10.62 3.23 -13.95
O8A NHW B . -13.83 9.96 -15.44
C8M NHW B . -12.10 7.67 -4.37
N9A NHW B . -11.23 4.27 -13.30
O9A NHW B . -14.57 8.38 -17.30
C9M NHW B . -12.35 7.95 -2.87
CAM NHW B . -13.73 7.34 -2.41
CBM NHW B . -14.01 7.58 -0.88
CCM NHW B . -14.08 9.09 -0.55
CDM NHW B . -14.41 9.21 0.96
CEM NHW B . -14.51 10.69 1.35
#